data_6DZ9
#
_entry.id   6DZ9
#
_entity_poly.entity_id   1
_entity_poly.type   'polypeptide(L)'
_entity_poly.pdbx_seq_one_letter_code
;GSKRFR(DPR)PIIFNER
;
_entity_poly.pdbx_strand_id   A
#
# COMPACT_ATOMS: atom_id res chain seq x y z
N GLY A 1 6.31 5.04 -4.32
CA GLY A 1 5.60 4.69 -5.55
C GLY A 1 4.62 3.55 -5.29
N SER A 2 4.97 2.67 -4.35
CA SER A 2 4.11 1.54 -4.03
C SER A 2 4.59 0.86 -2.74
N LYS A 3 3.92 -0.21 -2.36
CA LYS A 3 4.29 -0.95 -1.15
C LYS A 3 3.48 -2.23 -1.03
N ARG A 4 2.18 -2.07 -0.78
CA ARG A 4 1.30 -3.23 -0.64
C ARG A 4 -0.16 -2.79 -0.56
N PHE A 5 -1.07 -3.69 -0.94
CA PHE A 5 -2.49 -3.39 -0.90
C PHE A 5 -3.15 -4.13 0.26
N ARG A 6 -4.11 -3.48 0.91
CA ARG A 6 -4.81 -4.10 2.04
C ARG A 6 -6.30 -3.79 1.97
N DPR A 7 -6.99 -4.44 1.07
CA DPR A 7 -8.46 -4.26 0.87
CB DPR A 7 -8.63 -4.57 -0.61
CG DPR A 7 -7.57 -5.59 -0.92
CD DPR A 7 -6.44 -5.40 0.11
C DPR A 7 -8.93 -2.83 1.18
O DPR A 7 -8.87 -1.96 0.32
HA DPR A 7 -9.00 -4.99 1.44
HB2 DPR A 7 -8.47 -3.70 -1.21
HB3 DPR A 7 -9.61 -4.99 -0.79
HG2 DPR A 7 -7.18 -5.43 -1.91
HG3 DPR A 7 -7.99 -6.59 -0.84
HD2 DPR A 7 -5.56 -5.00 -0.36
HD3 DPR A 7 -6.22 -6.34 0.60
N PRO A 8 -9.42 -2.59 2.38
CA PRO A 8 -9.92 -1.24 2.78
C PRO A 8 -8.85 -0.15 2.65
N ILE A 9 -7.60 -0.51 2.95
CA ILE A 9 -6.49 0.44 2.86
C ILE A 9 -5.42 -0.05 1.90
N ILE A 10 -4.73 0.90 1.27
CA ILE A 10 -3.67 0.56 0.33
C ILE A 10 -2.36 1.23 0.73
N PHE A 11 -1.35 0.41 1.00
CA PHE A 11 -0.05 0.92 1.40
C PHE A 11 0.82 1.20 0.17
N ASN A 12 1.29 2.44 0.07
CA ASN A 12 2.13 2.82 -1.07
C ASN A 12 3.25 3.74 -0.61
N GLU A 13 4.48 3.38 -0.98
CA GLU A 13 5.65 4.19 -0.61
C GLU A 13 6.62 4.28 -1.78
N ARG A 14 7.28 5.43 -1.90
CA ARG A 14 8.24 5.63 -2.98
C ARG A 14 7.62 5.26 -4.33
N GLY A 1 7.27 3.34 2.35
CA GLY A 1 7.93 2.16 2.90
C GLY A 1 7.98 1.04 1.88
N SER A 2 6.91 0.90 1.10
CA SER A 2 6.84 -0.14 0.08
C SER A 2 5.60 0.03 -0.78
N LYS A 3 5.25 -1.01 -1.54
CA LYS A 3 4.09 -0.96 -2.40
C LYS A 3 3.24 -2.22 -2.25
N ARG A 4 2.15 -2.11 -1.51
CA ARG A 4 1.26 -3.25 -1.29
C ARG A 4 -0.19 -2.78 -1.22
N PHE A 5 -1.10 -3.74 -0.99
CA PHE A 5 -2.52 -3.42 -0.92
C PHE A 5 -3.17 -4.23 0.19
N ARG A 6 -4.05 -3.58 0.96
CA ARG A 6 -4.74 -4.27 2.05
C ARG A 6 -6.21 -3.85 2.11
N DPR A 7 -6.98 -4.27 1.14
CA DPR A 7 -8.44 -3.96 1.05
CB DPR A 7 -8.67 -3.92 -0.46
CG DPR A 7 -7.71 -4.94 -1.01
CD DPR A 7 -6.56 -5.08 -0.01
C DPR A 7 -8.80 -2.62 1.70
O DPR A 7 -8.70 -1.57 1.07
HA DPR A 7 -9.02 -4.76 1.47
HB2 DPR A 7 -8.44 -2.94 -0.84
HB3 DPR A 7 -9.69 -4.19 -0.69
HG2 DPR A 7 -7.33 -4.60 -1.97
HG3 DPR A 7 -8.23 -5.88 -1.13
HD2 DPR A 7 -5.65 -4.70 -0.42
HD3 DPR A 7 -6.44 -6.11 0.28
N PRO A 8 -9.23 -2.63 2.94
CA PRO A 8 -9.61 -1.39 3.67
C PRO A 8 -8.66 -0.23 3.37
N ILE A 9 -7.40 -0.55 3.07
CA ILE A 9 -6.41 0.49 2.78
C ILE A 9 -5.37 0.00 1.78
N ILE A 10 -4.87 0.94 0.98
CA ILE A 10 -3.85 0.62 -0.02
C ILE A 10 -2.49 1.08 0.48
N PHE A 11 -1.44 0.36 0.06
CA PHE A 11 -0.08 0.69 0.48
C PHE A 11 0.76 1.12 -0.73
N ASN A 12 1.11 2.40 -0.76
CA ASN A 12 1.92 2.94 -1.85
C ASN A 12 3.08 3.76 -1.31
N GLU A 13 4.30 3.27 -1.52
CA GLU A 13 5.49 3.97 -1.04
C GLU A 13 5.49 4.04 0.49
N ARG A 14 5.89 5.19 1.02
CA ARG A 14 5.94 5.38 2.46
C ARG A 14 6.60 4.19 3.15
N GLY A 1 9.14 3.47 -1.43
CA GLY A 1 9.89 2.22 -1.42
C GLY A 1 9.04 1.08 -0.87
N SER A 2 7.80 1.01 -1.30
CA SER A 2 6.89 -0.04 -0.84
C SER A 2 5.61 -0.05 -1.67
N LYS A 3 5.24 -1.24 -2.16
CA LYS A 3 4.04 -1.37 -2.98
C LYS A 3 3.22 -2.56 -2.51
N ARG A 4 2.17 -2.29 -1.74
CA ARG A 4 1.30 -3.35 -1.22
C ARG A 4 -0.12 -2.82 -1.02
N PHE A 5 -1.08 -3.75 -0.98
CA PHE A 5 -2.48 -3.39 -0.78
C PHE A 5 -3.01 -4.00 0.51
N ARG A 6 -3.99 -3.34 1.11
CA ARG A 6 -4.58 -3.84 2.35
C ARG A 6 -6.09 -3.66 2.34
N DPR A 7 -6.77 -4.40 1.51
CA DPR A 7 -8.25 -4.35 1.37
CB DPR A 7 -8.47 -4.82 -0.07
CG DPR A 7 -7.36 -5.79 -0.33
CD DPR A 7 -6.19 -5.40 0.59
C DPR A 7 -8.83 -2.94 1.58
O DPR A 7 -8.86 -2.15 0.64
HA DPR A 7 -8.72 -5.06 2.04
HB2 DPR A 7 -8.40 -4.00 -0.75
HB3 DPR A 7 -9.43 -5.32 -0.16
HG2 DPR A 7 -7.04 -5.73 -1.36
HG3 DPR A 7 -7.69 -6.80 -0.11
HD2 DPR A 7 -5.39 -4.95 0.02
HD3 DPR A 7 -5.83 -6.26 1.14
N PRO A 8 -9.31 -2.63 2.76
CA PRO A 8 -9.91 -1.29 3.05
C PRO A 8 -8.94 -0.13 2.84
N ILE A 9 -7.65 -0.43 2.73
CA ILE A 9 -6.65 0.62 2.54
C ILE A 9 -5.50 0.13 1.66
N ILE A 10 -4.93 1.06 0.89
CA ILE A 10 -3.81 0.73 0.01
C ILE A 10 -2.49 1.12 0.68
N PHE A 11 -1.43 0.37 0.35
CA PHE A 11 -0.11 0.64 0.91
C PHE A 11 0.88 0.99 -0.18
N ASN A 12 1.12 2.29 -0.35
CA ASN A 12 2.06 2.75 -1.37
C ASN A 12 3.09 3.70 -0.76
N GLU A 13 4.37 3.38 -0.97
CA GLU A 13 5.45 4.20 -0.44
C GLU A 13 6.59 4.30 -1.44
N ARG A 14 7.32 5.41 -1.41
CA ARG A 14 8.43 5.62 -2.32
C ARG A 14 9.27 4.34 -2.43
N GLY A 1 9.02 3.57 -2.47
CA GLY A 1 9.93 2.50 -2.87
C GLY A 1 9.27 1.13 -2.68
N SER A 2 8.15 1.12 -1.95
CA SER A 2 7.43 -0.12 -1.70
C SER A 2 5.93 0.10 -1.86
N LYS A 3 5.25 -0.92 -2.38
CA LYS A 3 3.80 -0.83 -2.59
C LYS A 3 3.12 -2.13 -2.17
N ARG A 4 2.11 -1.99 -1.30
CA ARG A 4 1.38 -3.17 -0.82
C ARG A 4 -0.12 -2.88 -0.85
N PHE A 5 -0.91 -3.81 -0.32
CA PHE A 5 -2.36 -3.65 -0.30
C PHE A 5 -2.92 -4.02 1.07
N ARG A 6 -3.98 -3.33 1.47
CA ARG A 6 -4.60 -3.60 2.76
C ARG A 6 -6.12 -3.48 2.65
N DPR A 7 -6.73 -4.42 1.99
CA DPR A 7 -8.20 -4.45 1.79
CB DPR A 7 -8.34 -5.25 0.49
CG DPR A 7 -7.17 -6.20 0.49
CD DPR A 7 -6.08 -5.57 1.34
C DPR A 7 -8.83 -3.06 1.63
O DPR A 7 -8.83 -2.50 0.53
HA DPR A 7 -8.68 -5.01 2.57
HB2 DPR A 7 -8.27 -4.60 -0.37
HB3 DPR A 7 -9.27 -5.80 0.48
HG2 DPR A 7 -6.82 -6.35 -0.51
HG3 DPR A 7 -7.48 -7.15 0.92
HD2 DPR A 7 -5.26 -5.23 0.72
HD3 DPR A 7 -5.72 -6.27 2.09
N PRO A 8 -9.37 -2.49 2.68
CA PRO A 8 -10.02 -1.15 2.62
C PRO A 8 -9.06 -0.04 2.17
N ILE A 9 -7.76 -0.24 2.37
CA ILE A 9 -6.78 0.76 1.99
C ILE A 9 -5.59 0.13 1.25
N ILE A 10 -5.03 0.89 0.32
CA ILE A 10 -3.87 0.42 -0.44
C ILE A 10 -2.58 0.98 0.15
N PHE A 11 -1.49 0.22 0.01
CA PHE A 11 -0.20 0.65 0.56
C PHE A 11 0.71 1.14 -0.56
N ASN A 12 1.20 2.36 -0.42
CA ASN A 12 2.10 2.94 -1.42
C ASN A 12 3.26 3.65 -0.73
N GLU A 13 4.24 2.87 -0.26
CA GLU A 13 5.40 3.45 0.41
C GLU A 13 6.45 3.89 -0.60
N ARG A 14 7.22 4.91 -0.23
CA ARG A 14 8.26 5.43 -1.11
C ARG A 14 9.28 4.34 -1.42
N GLY A 1 9.00 3.15 -1.90
CA GLY A 1 9.82 2.00 -1.52
C GLY A 1 8.94 0.80 -1.16
N SER A 2 7.70 1.09 -0.75
CA SER A 2 6.76 0.04 -0.38
C SER A 2 5.54 0.08 -1.28
N LYS A 3 5.21 -1.07 -1.87
CA LYS A 3 4.05 -1.15 -2.76
C LYS A 3 3.25 -2.42 -2.47
N ARG A 4 2.15 -2.27 -1.74
CA ARG A 4 1.31 -3.42 -1.39
C ARG A 4 -0.16 -3.00 -1.33
N PHE A 5 -1.02 -3.94 -0.97
CA PHE A 5 -2.45 -3.65 -0.86
C PHE A 5 -3.03 -4.26 0.42
N ARG A 6 -3.92 -3.51 1.08
CA ARG A 6 -4.52 -4.00 2.30
C ARG A 6 -6.01 -3.64 2.35
N DPR A 7 -6.80 -4.24 1.49
CA DPR A 7 -8.26 -4.01 1.41
CB DPR A 7 -8.55 -4.25 -0.07
CG DPR A 7 -7.59 -5.31 -0.48
CD DPR A 7 -6.38 -5.21 0.47
C DPR A 7 -8.66 -2.58 1.82
O DPR A 7 -8.52 -1.65 1.03
HA DPR A 7 -8.78 -4.74 1.99
HB2 DPR A 7 -8.37 -3.36 -0.64
HB3 DPR A 7 -9.57 -4.59 -0.19
HG2 DPR A 7 -7.26 -5.16 -1.49
HG3 DPR A 7 -8.06 -6.29 -0.38
HD2 DPR A 7 -5.51 -4.85 -0.06
HD3 DPR A 7 -6.16 -6.17 0.92
N PRO A 8 -9.15 -2.39 3.02
CA PRO A 8 -9.57 -1.04 3.51
C PRO A 8 -8.59 0.06 3.09
N ILE A 9 -7.33 -0.31 2.88
CA ILE A 9 -6.32 0.68 2.49
C ILE A 9 -5.26 0.07 1.58
N ILE A 10 -4.73 0.91 0.69
CA ILE A 10 -3.69 0.46 -0.24
C ILE A 10 -2.31 0.93 0.24
N PHE A 11 -1.28 0.13 -0.04
CA PHE A 11 0.07 0.47 0.38
C PHE A 11 0.88 0.99 -0.81
N ASN A 12 1.10 2.29 -0.84
CA ASN A 12 1.86 2.90 -1.93
C ASN A 12 2.81 3.96 -1.39
N GLU A 13 3.95 3.51 -0.86
CA GLU A 13 4.94 4.42 -0.31
C GLU A 13 6.25 4.33 -1.10
N ARG A 14 7.01 5.42 -1.12
CA ARG A 14 8.26 5.46 -1.84
C ARG A 14 9.19 4.35 -1.36
N GLY A 1 7.66 4.33 -4.62
CA GLY A 1 7.47 3.38 -5.70
C GLY A 1 6.44 2.32 -5.30
N SER A 2 5.39 2.76 -4.61
CA SER A 2 4.34 1.85 -4.15
C SER A 2 4.78 1.14 -2.88
N LYS A 3 4.10 0.03 -2.56
CA LYS A 3 4.43 -0.74 -1.36
C LYS A 3 3.59 -2.02 -1.30
N ARG A 4 2.35 -1.89 -0.82
CA ARG A 4 1.47 -3.05 -0.70
C ARG A 4 0.00 -2.63 -0.77
N PHE A 5 -0.89 -3.61 -0.60
CA PHE A 5 -2.32 -3.35 -0.63
C PHE A 5 -3.03 -4.13 0.46
N ARG A 6 -4.01 -3.50 1.10
CA ARG A 6 -4.76 -4.17 2.16
C ARG A 6 -6.26 -3.85 2.06
N DPR A 7 -6.90 -4.28 1.02
CA DPR A 7 -8.36 -4.05 0.79
CB DPR A 7 -8.45 -4.04 -0.73
CG DPR A 7 -7.41 -5.02 -1.18
CD DPR A 7 -6.32 -5.06 -0.10
C DPR A 7 -8.84 -2.73 1.40
O DPR A 7 -8.69 -1.68 0.78
HA DPR A 7 -8.93 -4.88 1.16
HB2 DPR A 7 -8.22 -3.05 -1.11
HB3 DPR A 7 -9.43 -4.34 -1.05
HG2 DPR A 7 -6.98 -4.69 -2.13
HG3 DPR A 7 -7.86 -5.99 -1.30
HD2 DPR A 7 -5.43 -4.58 -0.46
HD3 DPR A 7 -6.13 -6.07 0.20
N PRO A 8 -9.42 -2.75 2.58
CA PRO A 8 -9.91 -1.52 3.25
C PRO A 8 -8.94 -0.35 3.09
N ILE A 9 -7.66 -0.65 2.91
CA ILE A 9 -6.65 0.40 2.77
C ILE A 9 -5.55 -0.02 1.81
N ILE A 10 -5.00 0.96 1.10
CA ILE A 10 -3.91 0.70 0.16
C ILE A 10 -2.58 1.14 0.75
N PHE A 11 -1.51 0.47 0.37
CA PHE A 11 -0.17 0.80 0.87
C PHE A 11 0.73 1.23 -0.29
N ASN A 12 1.12 2.50 -0.29
CA ASN A 12 1.97 3.03 -1.34
C ASN A 12 3.07 3.92 -0.77
N GLU A 13 4.31 3.62 -1.13
CA GLU A 13 5.44 4.41 -0.66
C GLU A 13 6.39 4.71 -1.83
N ARG A 14 7.67 4.88 -1.53
CA ARG A 14 8.65 5.16 -2.57
C ARG A 14 8.56 4.10 -3.66
N GLY A 1 7.60 3.92 1.86
CA GLY A 1 8.47 2.82 2.21
C GLY A 1 7.74 1.48 2.07
N SER A 2 6.68 1.48 1.28
CA SER A 2 5.90 0.27 1.07
C SER A 2 5.29 0.24 -0.33
N LYS A 3 4.65 -0.88 -0.67
CA LYS A 3 4.02 -1.02 -1.98
C LYS A 3 3.13 -2.27 -2.00
N ARG A 4 2.19 -2.32 -1.06
CA ARG A 4 1.27 -3.45 -0.97
C ARG A 4 -0.17 -2.96 -0.85
N PHE A 5 -1.11 -3.82 -1.20
CA PHE A 5 -2.53 -3.48 -1.12
C PHE A 5 -3.18 -4.21 0.05
N ARG A 6 -4.07 -3.52 0.76
CA ARG A 6 -4.76 -4.13 1.89
C ARG A 6 -6.23 -3.72 1.91
N DPR A 7 -7.00 -4.25 1.00
CA DPR A 7 -8.45 -3.97 0.87
CB DPR A 7 -8.69 -4.16 -0.63
CG DPR A 7 -7.72 -5.22 -1.05
CD DPR A 7 -6.56 -5.20 -0.04
C DPR A 7 -8.82 -2.55 1.30
O DPR A 7 -8.75 -1.62 0.52
HA DPR A 7 -9.02 -4.71 1.41
HB2 DPR A 7 -8.50 -3.25 -1.16
HB3 DPR A 7 -9.71 -4.49 -0.80
HG2 DPR A 7 -7.34 -5.00 -2.04
HG3 DPR A 7 -8.20 -6.19 -1.05
HD2 DPR A 7 -5.66 -4.83 -0.52
HD3 DPR A 7 -6.40 -6.19 0.37
N PRO A 8 -9.23 -2.37 2.54
CA PRO A 8 -9.63 -1.02 3.06
C PRO A 8 -8.51 0.01 2.94
N ILE A 9 -7.27 -0.45 3.05
CA ILE A 9 -6.12 0.45 2.96
C ILE A 9 -5.12 -0.05 1.92
N ILE A 10 -4.43 0.90 1.28
CA ILE A 10 -3.42 0.56 0.27
C ILE A 10 -2.05 1.10 0.68
N PHE A 11 -1.10 0.21 0.90
CA PHE A 11 0.24 0.61 1.29
C PHE A 11 1.07 0.96 0.07
N ASN A 12 0.80 2.12 -0.51
CA ASN A 12 1.53 2.57 -1.70
C ASN A 12 2.56 3.64 -1.34
N GLU A 13 3.83 3.30 -1.47
CA GLU A 13 4.91 4.24 -1.15
C GLU A 13 5.15 4.31 0.36
N ARG A 14 5.65 5.45 0.82
CA ARG A 14 5.92 5.62 2.24
C ARG A 14 6.79 4.48 2.75
N GLY A 1 9.12 2.87 -1.83
CA GLY A 1 9.83 1.70 -1.33
C GLY A 1 8.86 0.67 -0.76
N SER A 2 7.58 1.03 -0.73
CA SER A 2 6.55 0.13 -0.23
C SER A 2 5.33 0.12 -1.15
N LYS A 3 5.20 -0.96 -1.92
CA LYS A 3 4.08 -1.10 -2.84
C LYS A 3 3.26 -2.33 -2.50
N ARG A 4 2.29 -2.16 -1.61
CA ARG A 4 1.43 -3.27 -1.20
C ARG A 4 -0.03 -2.83 -1.16
N PHE A 5 -0.92 -3.77 -0.90
CA PHE A 5 -2.35 -3.47 -0.82
C PHE A 5 -2.98 -4.20 0.35
N ARG A 6 -3.88 -3.53 1.06
CA ARG A 6 -4.56 -4.13 2.21
C ARG A 6 -6.04 -3.76 2.23
N DPR A 7 -6.80 -4.21 1.25
CA DPR A 7 -8.26 -3.94 1.16
CB DPR A 7 -8.48 -3.97 -0.36
CG DPR A 7 -7.51 -5.00 -0.87
CD DPR A 7 -6.34 -5.06 0.13
C DPR A 7 -8.64 -2.58 1.74
O DPR A 7 -8.53 -1.56 1.06
HA DPR A 7 -8.81 -4.74 1.61
HB2 DPR A 7 -8.26 -3.02 -0.79
HB3 DPR A 7 -9.49 -4.27 -0.58
HG2 DPR A 7 -7.15 -4.72 -1.84
HG3 DPR A 7 -8.00 -5.96 -0.92
HD2 DPR A 7 -5.46 -4.64 -0.31
HD3 DPR A 7 -6.17 -6.07 0.45
N PRO A 8 -9.09 -2.54 2.98
CA PRO A 8 -9.48 -1.27 3.64
C PRO A 8 -8.51 -0.14 3.34
N ILE A 9 -7.26 -0.48 3.04
CA ILE A 9 -6.26 0.54 2.76
C ILE A 9 -5.23 0.03 1.74
N ILE A 10 -4.73 0.95 0.92
CA ILE A 10 -3.74 0.61 -0.09
C ILE A 10 -2.36 1.11 0.34
N PHE A 11 -1.32 0.39 -0.05
CA PHE A 11 0.05 0.77 0.30
C PHE A 11 0.86 1.11 -0.94
N ASN A 12 1.08 2.41 -1.16
CA ASN A 12 1.85 2.85 -2.32
C ASN A 12 2.83 3.95 -1.92
N GLU A 13 3.77 3.60 -1.05
CA GLU A 13 4.77 4.56 -0.58
C GLU A 13 6.12 4.31 -1.27
N ARG A 14 7.01 5.30 -1.17
CA ARG A 14 8.33 5.17 -1.78
C ARG A 14 9.10 4.02 -1.15
N GLY A 1 8.02 3.73 0.12
CA GLY A 1 9.02 2.69 -0.03
C GLY A 1 8.37 1.30 0.00
N SER A 2 7.12 1.23 -0.47
CA SER A 2 6.41 -0.04 -0.49
C SER A 2 5.44 -0.10 -1.66
N LYS A 3 5.12 -1.32 -2.09
CA LYS A 3 4.20 -1.52 -3.21
C LYS A 3 3.20 -2.63 -2.88
N ARG A 4 2.46 -2.46 -1.79
CA ARG A 4 1.47 -3.46 -1.38
C ARG A 4 0.10 -2.81 -1.17
N PHE A 5 -0.94 -3.65 -1.12
CA PHE A 5 -2.30 -3.17 -0.92
C PHE A 5 -3.02 -4.01 0.13
N ARG A 6 -3.91 -3.37 0.88
CA ARG A 6 -4.65 -4.08 1.91
C ARG A 6 -6.11 -3.61 1.94
N DPR A 7 -6.86 -3.89 0.92
CA DPR A 7 -8.29 -3.52 0.80
CB DPR A 7 -8.47 -3.36 -0.70
CG DPR A 7 -7.55 -4.39 -1.31
CD DPR A 7 -6.42 -4.63 -0.29
C DPR A 7 -8.61 -2.20 1.53
O DPR A 7 -8.36 -1.12 1.00
HA DPR A 7 -8.92 -4.31 1.14
HB2 DPR A 7 -8.17 -2.37 -1.02
HB3 DPR A 7 -9.49 -3.56 -0.99
HG2 DPR A 7 -7.13 -4.01 -2.23
HG3 DPR A 7 -8.09 -5.30 -1.48
HD2 DPR A 7 -5.49 -4.23 -0.66
HD3 DPR A 7 -6.32 -5.68 -0.08
N PRO A 8 -9.16 -2.27 2.73
CA PRO A 8 -9.51 -1.06 3.51
C PRO A 8 -8.44 0.03 3.42
N ILE A 9 -7.20 -0.38 3.14
CA ILE A 9 -6.11 0.59 3.05
C ILE A 9 -5.06 0.16 2.02
N ILE A 10 -4.39 1.14 1.44
CA ILE A 10 -3.34 0.86 0.46
C ILE A 10 -1.98 0.83 1.15
N PHE A 11 -1.02 0.16 0.54
CA PHE A 11 0.31 0.06 1.11
C PHE A 11 1.36 0.38 0.05
N ASN A 12 1.03 1.36 -0.79
CA ASN A 12 1.93 1.77 -1.86
C ASN A 12 2.68 3.05 -1.47
N GLU A 13 3.86 3.22 -2.06
CA GLU A 13 4.68 4.41 -1.78
C GLU A 13 5.40 4.24 -0.45
N ARG A 14 5.92 5.35 0.08
CA ARG A 14 6.64 5.30 1.35
C ARG A 14 7.69 4.20 1.33
N GLY A 1 9.28 3.81 -2.92
CA GLY A 1 9.89 2.85 -3.84
C GLY A 1 9.18 1.50 -3.77
N SER A 2 8.25 1.39 -2.83
CA SER A 2 7.49 0.14 -2.67
C SER A 2 6.02 0.45 -2.41
N LYS A 3 5.23 -0.60 -2.21
CA LYS A 3 3.80 -0.43 -1.94
C LYS A 3 3.15 -1.78 -1.67
N ARG A 4 2.07 -1.75 -0.88
CA ARG A 4 1.34 -2.97 -0.54
C ARG A 4 -0.15 -2.71 -0.58
N PHE A 5 -0.93 -3.70 -0.13
CA PHE A 5 -2.38 -3.57 -0.12
C PHE A 5 -2.93 -3.83 1.28
N ARG A 6 -4.06 -3.18 1.60
CA ARG A 6 -4.69 -3.36 2.90
C ARG A 6 -6.21 -3.42 2.75
N DPR A 7 -6.70 -4.52 2.23
CA DPR A 7 -8.16 -4.73 2.02
CB DPR A 7 -8.18 -5.78 0.90
CG DPR A 7 -6.94 -6.59 1.09
CD DPR A 7 -5.92 -5.69 1.81
C DPR A 7 -8.89 -3.47 1.57
O DPR A 7 -8.87 -3.11 0.39
HA DPR A 7 -8.61 -5.16 2.90
HB2 DPR A 7 -8.17 -5.30 -0.06
HB3 DPR A 7 -9.06 -6.41 1.00
HG2 DPR A 7 -6.54 -6.88 0.14
HG3 DPR A 7 -7.15 -7.45 1.69
HD2 DPR A 7 -5.14 -5.38 1.13
HD3 DPR A 7 -5.51 -6.20 2.66
N PRO A 8 -9.57 -2.78 2.47
CA PRO A 8 -10.33 -1.54 2.12
C PRO A 8 -9.46 -0.39 1.65
N ILE A 9 -8.17 -0.42 1.97
CA ILE A 9 -7.26 0.64 1.57
C ILE A 9 -5.94 0.08 1.01
N ILE A 10 -5.34 0.83 0.08
CA ILE A 10 -4.08 0.41 -0.52
C ILE A 10 -2.92 1.03 0.25
N PHE A 11 -1.78 0.33 0.26
CA PHE A 11 -0.60 0.83 0.98
C PHE A 11 0.50 1.23 0.00
N ASN A 12 1.16 2.34 0.31
CA ASN A 12 2.24 2.85 -0.54
C ASN A 12 3.52 3.01 0.27
N GLU A 13 4.67 2.91 -0.40
CA GLU A 13 5.95 3.06 0.27
C GLU A 13 6.99 3.67 -0.65
N ARG A 14 7.97 4.36 -0.05
CA ARG A 14 9.03 5.01 -0.83
C ARG A 14 9.75 3.98 -1.70
#